data_1R1P
#
_entry.id   1R1P
#
_cell.length_a   90.307
_cell.length_b   90.307
_cell.length_c   145.959
_cell.angle_alpha   90.00
_cell.angle_beta   90.00
_cell.angle_gamma   90.00
#
_symmetry.space_group_name_H-M   'P 41 21 2'
#
loop_
_entity.id
_entity.type
_entity.pdbx_description
1 polymer 'GRB2-related adaptor protein 2'
2 polymer 'LAT pY171 peptide'
3 non-polymer 'SULFATE ION'
4 water water
#
loop_
_entity_poly.entity_id
_entity_poly.type
_entity_poly.pdbx_seq_one_letter_code
_entity_poly.pdbx_strand_id
1 'polypeptide(L)'
;GSFIDIEFPEWFHEGLSRHQAENLLMGKDIGFFIIRASQSSPGDFSISVRHEDDVQHFKVMRDTKGNYFLWTEKFPSLNK
LVDYYRTTSISKQKQVFLRD
;
A,B,C,D
2 'polypeptide(L)' (ACE)DD(PTR)VNV E,F,G,H
#
loop_
_chem_comp.id
_chem_comp.type
_chem_comp.name
_chem_comp.formula
ACE non-polymer 'ACETYL GROUP' 'C2 H4 O'
SO4 non-polymer 'SULFATE ION' 'O4 S -2'
#
# COMPACT_ATOMS: atom_id res chain seq x y z
N ILE A 6 2.28 15.21 8.58
CA ILE A 6 1.37 16.35 8.87
C ILE A 6 0.67 16.77 7.56
N GLU A 7 -0.13 17.84 7.65
CA GLU A 7 -1.49 17.99 7.07
C GLU A 7 -1.84 18.07 5.55
N PHE A 8 -2.92 17.35 5.22
CA PHE A 8 -2.96 16.32 4.15
C PHE A 8 -1.80 15.35 4.48
N PRO A 9 -1.24 14.63 3.52
CA PRO A 9 -1.28 13.17 3.53
C PRO A 9 -1.72 12.39 4.85
N GLU A 10 -1.56 13.00 6.05
CA GLU A 10 -1.19 12.24 7.25
C GLU A 10 -2.26 12.06 8.41
N TRP A 11 -3.56 12.19 8.07
CA TRP A 11 -4.72 11.81 8.92
C TRP A 11 -5.38 10.45 8.48
N PHE A 12 -4.92 9.91 7.38
CA PHE A 12 -5.25 8.54 7.01
C PHE A 12 -3.89 7.83 6.85
N HIS A 13 -3.90 6.51 6.99
CA HIS A 13 -2.68 5.77 6.89
C HIS A 13 -2.68 5.31 5.47
N GLU A 14 -1.94 5.95 4.58
CA GLU A 14 -2.08 5.56 3.20
C GLU A 14 -1.41 4.24 3.04
N GLY A 15 -1.89 3.47 2.08
CA GLY A 15 -1.33 2.19 1.78
C GLY A 15 -1.54 1.01 2.71
N LEU A 16 -2.27 1.23 3.77
CA LEU A 16 -2.54 0.22 4.78
C LEU A 16 -3.77 -0.61 4.52
N SER A 17 -3.56 -1.91 4.58
CA SER A 17 -4.57 -2.89 4.39
C SER A 17 -5.48 -2.96 5.65
N ARG A 18 -6.62 -3.59 5.52
CA ARG A 18 -7.49 -3.91 6.64
C ARG A 18 -6.77 -4.73 7.73
N HIS A 19 -6.08 -5.74 7.33
CA HIS A 19 -5.45 -6.64 8.29
C HIS A 19 -4.18 -6.02 8.86
N GLN A 20 -3.50 -5.15 8.10
CA GLN A 20 -2.42 -4.40 8.68
C GLN A 20 -2.92 -3.48 9.78
N ALA A 21 -4.10 -2.89 9.58
CA ALA A 21 -4.70 -2.00 10.59
C ALA A 21 -4.99 -2.78 11.87
N GLU A 22 -5.48 -4.01 11.70
CA GLU A 22 -5.79 -4.90 12.83
C GLU A 22 -4.49 -5.20 13.58
N ASN A 23 -3.44 -5.53 12.83
CA ASN A 23 -2.12 -5.80 13.41
C ASN A 23 -1.63 -4.62 14.26
N LEU A 24 -1.70 -3.38 13.74
CA LEU A 24 -1.23 -2.23 14.48
C LEU A 24 -2.09 -1.96 15.72
N LEU A 25 -3.41 -2.06 15.55
CA LEU A 25 -4.33 -1.68 16.64
C LEU A 25 -4.38 -2.72 17.77
N MET A 26 -4.16 -3.96 17.47
CA MET A 26 -4.02 -4.95 18.52
C MET A 26 -2.96 -4.57 19.53
N GLY A 27 -1.96 -3.78 19.12
CA GLY A 27 -0.96 -3.25 20.05
C GLY A 27 -1.31 -2.03 20.80
N LYS A 28 -2.58 -1.59 20.65
CA LYS A 28 -3.08 -0.38 21.30
C LYS A 28 -4.28 -0.78 22.16
N ASP A 29 -4.71 0.14 23.00
CA ASP A 29 -5.83 -0.05 23.90
C ASP A 29 -7.16 0.22 23.19
N ILE A 30 -8.24 -0.17 23.84
CA ILE A 30 -9.58 0.03 23.31
C ILE A 30 -9.86 1.44 22.90
N GLY A 31 -10.56 1.62 21.75
CA GLY A 31 -10.99 2.92 21.26
C GLY A 31 -10.01 3.60 20.33
N PHE A 32 -8.77 3.17 20.39
CA PHE A 32 -7.79 3.62 19.39
C PHE A 32 -8.18 3.16 17.97
N PHE A 33 -7.78 3.94 16.97
CA PHE A 33 -8.36 3.76 15.66
C PHE A 33 -7.47 4.26 14.54
N ILE A 34 -7.80 3.76 13.36
CA ILE A 34 -7.13 4.12 12.13
C ILE A 34 -8.20 4.38 11.08
N ILE A 35 -8.10 5.50 10.40
CA ILE A 35 -8.87 5.75 9.21
C ILE A 35 -7.99 5.41 7.98
N ARG A 36 -8.54 4.62 7.06
CA ARG A 36 -7.83 4.20 5.84
C ARG A 36 -8.73 4.16 4.62
N ALA A 37 -8.12 4.29 3.41
CA ALA A 37 -8.81 4.11 2.16
C ALA A 37 -8.92 2.64 1.94
N SER A 38 -10.12 2.16 1.68
CA SER A 38 -10.41 0.76 1.54
C SER A 38 -9.68 0.24 0.25
N GLN A 39 -9.14 -0.94 0.34
CA GLN A 39 -8.64 -1.66 -0.84
C GLN A 39 -9.69 -2.56 -1.48
N SER A 40 -10.48 -3.21 -0.65
CA SER A 40 -11.59 -3.97 -1.10
C SER A 40 -12.63 -3.14 -1.92
N SER A 41 -12.85 -1.89 -1.54
CA SER A 41 -13.87 -1.02 -2.19
C SER A 41 -13.23 0.26 -2.49
N PRO A 42 -12.51 0.32 -3.62
CA PRO A 42 -11.83 1.57 -3.96
C PRO A 42 -12.79 2.75 -3.97
N GLY A 43 -12.35 3.79 -3.34
CA GLY A 43 -13.13 5.01 -3.21
C GLY A 43 -13.93 5.07 -1.90
N ASP A 44 -13.97 3.99 -1.12
CA ASP A 44 -14.46 4.03 0.24
C ASP A 44 -13.36 4.35 1.25
N PHE A 45 -13.77 4.93 2.37
CA PHE A 45 -12.98 5.00 3.58
C PHE A 45 -13.52 4.05 4.66
N SER A 46 -12.60 3.47 5.41
CA SER A 46 -12.94 2.56 6.46
C SER A 46 -12.34 3.10 7.77
N ILE A 47 -12.99 2.82 8.89
CA ILE A 47 -12.47 3.11 10.19
C ILE A 47 -12.31 1.81 10.96
N SER A 48 -11.07 1.52 11.32
CA SER A 48 -10.71 0.35 12.10
C SER A 48 -10.55 0.74 13.53
N VAL A 49 -11.12 -0.03 14.45
CA VAL A 49 -11.21 0.41 15.85
C VAL A 49 -10.93 -0.76 16.76
N ARG A 50 -9.97 -0.54 17.69
CA ARG A 50 -9.62 -1.52 18.73
C ARG A 50 -10.84 -1.68 19.70
N HIS A 51 -11.31 -2.91 19.80
CA HIS A 51 -12.33 -3.33 20.77
C HIS A 51 -11.58 -4.09 21.81
N GLU A 52 -12.32 -4.60 22.80
CA GLU A 52 -11.72 -5.33 23.92
C GLU A 52 -10.77 -6.47 23.56
N ASP A 53 -11.18 -7.36 22.67
CA ASP A 53 -10.47 -8.56 22.28
C ASP A 53 -10.03 -8.59 20.84
N ASP A 54 -10.50 -7.65 20.04
CA ASP A 54 -10.16 -7.69 18.66
C ASP A 54 -10.23 -6.27 18.04
N VAL A 55 -10.13 -6.21 16.72
CA VAL A 55 -10.26 -4.99 15.97
C VAL A 55 -11.37 -5.20 14.95
N GLN A 56 -12.29 -4.21 14.91
CA GLN A 56 -13.46 -4.21 14.06
C GLN A 56 -13.44 -2.98 13.14
N HIS A 57 -14.19 -3.07 12.06
CA HIS A 57 -14.09 -2.16 10.93
C HIS A 57 -15.50 -1.59 10.68
N PHE A 58 -15.56 -0.30 10.47
CA PHE A 58 -16.75 0.39 10.03
C PHE A 58 -16.53 1.03 8.66
N LYS A 59 -17.58 1.07 7.82
CA LYS A 59 -17.56 1.71 6.52
C LYS A 59 -18.11 3.11 6.63
N VAL A 60 -17.35 4.09 6.16
CA VAL A 60 -17.82 5.47 6.13
C VAL A 60 -18.84 5.62 5.03
N MET A 61 -20.07 5.81 5.45
CA MET A 61 -21.20 5.99 4.54
C MET A 61 -21.36 7.45 4.13
N ARG A 62 -21.92 7.63 2.94
CA ARG A 62 -22.06 8.95 2.33
C ARG A 62 -23.38 9.08 1.67
N ASP A 63 -23.84 10.32 1.57
CA ASP A 63 -24.96 10.63 0.67
C ASP A 63 -24.70 11.64 -0.43
N THR A 64 -25.72 11.89 -1.27
CA THR A 64 -25.54 12.81 -2.42
C THR A 64 -25.31 14.23 -2.02
N LYS A 65 -25.60 14.61 -0.75
CA LYS A 65 -25.31 15.97 -0.26
C LYS A 65 -23.96 16.13 0.36
N GLY A 66 -23.19 15.05 0.44
CA GLY A 66 -21.86 15.14 0.96
C GLY A 66 -21.80 14.80 2.41
N ASN A 67 -22.88 14.37 3.06
CA ASN A 67 -22.77 14.05 4.48
C ASN A 67 -22.03 12.75 4.70
N TYR A 68 -21.57 12.60 5.92
CA TYR A 68 -20.85 11.44 6.42
C TYR A 68 -21.65 10.84 7.54
N PHE A 69 -21.67 9.51 7.53
CA PHE A 69 -22.31 8.78 8.57
C PHE A 69 -21.81 7.36 8.71
N LEU A 70 -22.04 6.81 9.88
CA LEU A 70 -21.90 5.38 10.17
C LEU A 70 -23.20 4.62 10.47
N TRP A 71 -24.03 5.21 11.30
CA TRP A 71 -25.25 4.65 11.75
C TRP A 71 -26.47 5.48 11.20
N THR A 72 -26.98 6.41 11.99
CA THR A 72 -28.04 7.28 11.51
C THR A 72 -27.73 8.76 11.61
N GLU A 73 -26.97 9.25 12.63
CA GLU A 73 -26.59 10.67 12.70
C GLU A 73 -25.60 11.05 11.57
N LYS A 74 -25.90 12.16 10.90
CA LYS A 74 -25.19 12.56 9.72
C LYS A 74 -24.38 13.78 10.07
N PHE A 75 -23.25 13.98 9.39
CA PHE A 75 -22.26 15.05 9.62
C PHE A 75 -21.73 15.60 8.31
N PRO A 76 -21.43 16.88 8.29
CA PRO A 76 -20.98 17.56 7.06
C PRO A 76 -19.47 17.40 6.84
N SER A 77 -18.74 16.87 7.80
CA SER A 77 -17.37 16.48 7.62
C SER A 77 -17.01 15.14 8.33
N LEU A 78 -15.91 14.57 7.87
CA LEU A 78 -15.31 13.43 8.53
C LEU A 78 -14.85 13.76 9.90
N ASN A 79 -14.32 14.97 10.07
CA ASN A 79 -13.79 15.37 11.36
C ASN A 79 -14.90 15.46 12.44
N LYS A 80 -16.04 15.97 12.02
CA LYS A 80 -17.19 16.07 12.88
C LYS A 80 -17.71 14.70 13.22
N LEU A 81 -17.65 13.76 12.23
CA LEU A 81 -18.05 12.35 12.48
C LEU A 81 -17.15 11.70 13.54
N VAL A 82 -15.85 11.92 13.40
CA VAL A 82 -14.88 11.39 14.35
C VAL A 82 -15.15 11.96 15.70
N ASP A 83 -15.30 13.27 15.78
CA ASP A 83 -15.51 13.91 17.08
C ASP A 83 -16.84 13.38 17.78
N TYR A 84 -17.89 13.12 17.01
CA TYR A 84 -19.11 12.65 17.60
C TYR A 84 -18.84 11.29 18.26
N TYR A 85 -18.01 10.44 17.61
CA TYR A 85 -17.74 9.07 18.13
C TYR A 85 -16.68 9.00 19.24
N ARG A 86 -16.14 10.17 19.59
CA ARG A 86 -15.33 10.31 20.79
C ARG A 86 -16.18 10.31 22.09
N THR A 87 -17.48 10.67 21.97
CA THR A 87 -18.35 10.72 23.14
C THR A 87 -19.66 10.02 23.07
N THR A 88 -20.02 9.52 21.89
CA THR A 88 -21.09 8.54 21.69
C THR A 88 -20.42 7.29 21.24
N SER A 89 -20.83 6.11 21.75
CA SER A 89 -20.27 4.85 21.32
C SER A 89 -20.42 4.62 19.81
N ILE A 90 -19.34 4.14 19.20
CA ILE A 90 -19.32 3.70 17.81
C ILE A 90 -19.88 2.27 17.63
N SER A 91 -19.96 1.51 18.72
CA SER A 91 -20.48 0.18 18.71
C SER A 91 -21.93 0.30 19.27
N LYS A 92 -22.83 -0.54 18.76
CA LYS A 92 -24.23 -0.60 19.24
C LYS A 92 -24.43 -1.73 20.25
N GLN A 93 -23.35 -2.41 20.63
CA GLN A 93 -23.45 -3.47 21.62
C GLN A 93 -22.58 -3.28 22.86
N LYS A 94 -21.56 -2.46 22.75
CA LYS A 94 -20.61 -2.27 23.83
C LYS A 94 -20.34 -0.78 23.82
N GLN A 95 -19.74 -0.27 24.89
CA GLN A 95 -19.31 1.13 24.91
C GLN A 95 -17.89 1.26 24.42
N VAL A 96 -17.74 1.81 23.21
CA VAL A 96 -16.43 2.02 22.54
C VAL A 96 -16.42 3.46 21.95
N PHE A 97 -15.63 4.32 22.61
CA PHE A 97 -15.40 5.67 22.20
C PHE A 97 -14.02 5.77 21.49
N LEU A 98 -13.94 6.61 20.46
CA LEU A 98 -12.74 6.78 19.69
C LEU A 98 -11.74 7.62 20.53
N ARG A 99 -10.48 7.22 20.44
CA ARG A 99 -9.38 7.91 21.13
C ARG A 99 -8.18 7.98 20.22
N ASP A 100 -7.39 9.03 20.38
CA ASP A 100 -6.08 9.12 19.72
C ASP A 100 -5.07 9.88 20.61
N GLY B 1 -4.25 -16.67 3.45
CA GLY B 1 -4.47 -16.45 1.99
C GLY B 1 -3.17 -16.58 1.17
N SER B 2 -3.14 -15.91 0.04
CA SER B 2 -1.96 -15.75 -0.78
C SER B 2 -1.87 -14.27 -1.25
N PHE B 3 -0.70 -13.84 -1.70
CA PHE B 3 -0.56 -12.69 -2.55
C PHE B 3 -1.24 -12.94 -3.88
N ILE B 4 -1.83 -11.87 -4.42
CA ILE B 4 -2.50 -11.99 -5.75
C ILE B 4 -1.75 -11.18 -6.72
N ASP B 5 -2.21 -11.28 -7.97
CA ASP B 5 -1.63 -10.61 -9.10
C ASP B 5 -2.13 -9.14 -9.10
N ILE B 6 -1.58 -8.28 -8.20
CA ILE B 6 -1.94 -6.83 -8.11
C ILE B 6 -2.05 -6.04 -9.43
N GLU B 7 -3.08 -5.23 -9.45
CA GLU B 7 -3.25 -4.23 -10.50
C GLU B 7 -3.65 -2.93 -9.76
N PHE B 8 -2.62 -2.14 -9.54
CA PHE B 8 -2.71 -0.99 -8.72
C PHE B 8 -2.42 -0.14 -9.87
N PRO B 9 -3.48 0.29 -10.52
CA PRO B 9 -3.31 0.99 -11.78
C PRO B 9 -2.57 2.24 -11.53
N GLU B 10 -2.00 2.68 -12.61
CA GLU B 10 -1.04 3.78 -12.67
C GLU B 10 -1.68 5.06 -12.26
N TRP B 11 -2.99 5.12 -12.48
CA TRP B 11 -3.67 6.34 -12.18
C TRP B 11 -4.29 6.38 -10.77
N PHE B 12 -4.08 5.36 -9.92
CA PHE B 12 -4.63 5.41 -8.56
C PHE B 12 -3.52 5.77 -7.56
N HIS B 13 -3.68 6.91 -6.94
CA HIS B 13 -2.68 7.40 -6.04
C HIS B 13 -3.32 8.22 -4.95
N GLU B 14 -3.61 7.57 -3.83
CA GLU B 14 -4.37 8.13 -2.72
C GLU B 14 -3.78 9.42 -2.19
N GLY B 15 -2.49 9.35 -1.90
CA GLY B 15 -1.78 10.39 -1.20
C GLY B 15 -1.14 11.50 -2.04
N LEU B 16 -1.35 11.53 -3.35
CA LEU B 16 -0.90 12.63 -4.20
C LEU B 16 -1.83 13.85 -4.01
N SER B 17 -1.19 14.99 -3.74
CA SER B 17 -1.84 16.26 -3.49
C SER B 17 -2.46 16.82 -4.80
N ARG B 18 -3.44 17.71 -4.69
CA ARG B 18 -3.95 18.40 -5.86
C ARG B 18 -2.88 19.05 -6.73
N HIS B 19 -1.98 19.76 -6.10
CA HIS B 19 -0.91 20.43 -6.86
C HIS B 19 0.03 19.45 -7.54
N GLN B 20 0.37 18.33 -6.88
CA GLN B 20 1.28 17.37 -7.47
C GLN B 20 0.66 16.74 -8.69
N ALA B 21 -0.62 16.45 -8.58
CA ALA B 21 -1.33 15.86 -9.71
C ALA B 21 -1.33 16.85 -10.87
N GLU B 22 -1.57 18.15 -10.61
CA GLU B 22 -1.50 19.15 -11.70
C GLU B 22 -0.11 19.11 -12.38
N ASN B 23 0.94 19.16 -11.58
CA ASN B 23 2.28 19.22 -12.17
C ASN B 23 2.47 18.02 -13.04
N LEU B 24 2.13 16.82 -12.52
CA LEU B 24 2.37 15.59 -13.20
C LEU B 24 1.66 15.53 -14.54
N LEU B 25 0.37 15.81 -14.51
CA LEU B 25 -0.49 15.62 -15.68
C LEU B 25 -0.26 16.73 -16.73
N MET B 26 0.29 17.86 -16.33
CA MET B 26 0.68 18.88 -17.32
C MET B 26 1.76 18.31 -18.23
N GLY B 27 2.56 17.35 -17.74
CA GLY B 27 3.50 16.63 -18.60
C GLY B 27 2.90 15.53 -19.44
N LYS B 28 1.59 15.38 -19.47
CA LYS B 28 1.00 14.24 -20.03
C LYS B 28 -0.04 14.72 -21.06
N ASP B 29 -0.48 13.82 -21.91
CA ASP B 29 -1.40 14.18 -22.96
C ASP B 29 -2.85 14.34 -22.39
N ILE B 30 -3.70 15.08 -23.12
CA ILE B 30 -5.15 15.15 -22.85
C ILE B 30 -5.80 13.81 -22.49
N GLY B 31 -6.52 13.78 -21.36
CA GLY B 31 -7.25 12.58 -20.99
C GLY B 31 -6.55 11.71 -19.96
N PHE B 32 -5.24 11.86 -19.78
CA PHE B 32 -4.54 11.16 -18.70
C PHE B 32 -5.05 11.73 -17.40
N PHE B 33 -5.04 10.94 -16.35
CA PHE B 33 -5.77 11.27 -15.14
C PHE B 33 -5.17 10.57 -13.91
N ILE B 34 -5.56 11.08 -12.74
CA ILE B 34 -5.16 10.52 -11.47
C ILE B 34 -6.40 10.54 -10.57
N ILE B 35 -6.67 9.42 -9.90
CA ILE B 35 -7.61 9.43 -8.80
C ILE B 35 -6.83 9.46 -7.49
N ARG B 36 -7.13 10.43 -6.68
CA ARG B 36 -6.49 10.65 -5.43
C ARG B 36 -7.49 10.97 -4.29
N ALA B 37 -7.06 10.77 -3.04
CA ALA B 37 -7.85 11.15 -1.92
C ALA B 37 -7.93 12.64 -1.88
N SER B 38 -9.13 13.15 -1.70
CA SER B 38 -9.31 14.60 -1.59
C SER B 38 -8.57 15.23 -0.43
N GLN B 39 -8.02 16.40 -0.77
CA GLN B 39 -7.31 17.24 0.16
C GLN B 39 -8.19 18.13 0.97
N SER B 40 -9.05 18.88 0.29
CA SER B 40 -9.91 19.85 0.94
C SER B 40 -11.10 19.22 1.64
N SER B 41 -11.56 18.05 1.20
CA SER B 41 -12.64 17.32 1.85
C SER B 41 -12.22 15.90 2.26
N PRO B 42 -11.60 15.74 3.43
CA PRO B 42 -11.19 14.44 3.92
C PRO B 42 -12.35 13.48 3.81
N GLY B 43 -12.09 12.32 3.21
CA GLY B 43 -13.05 11.25 3.00
C GLY B 43 -13.73 11.28 1.63
N ASP B 44 -13.45 12.28 0.81
CA ASP B 44 -13.83 12.26 -0.63
C ASP B 44 -12.63 11.78 -1.45
N PHE B 45 -12.93 11.37 -2.66
CA PHE B 45 -11.92 11.15 -3.69
C PHE B 45 -12.11 12.23 -4.78
N SER B 46 -11.03 12.51 -5.50
CA SER B 46 -10.94 13.47 -6.57
C SER B 46 -10.33 12.82 -7.81
N ILE B 47 -10.84 13.21 -8.98
CA ILE B 47 -10.28 12.79 -10.23
C ILE B 47 -9.69 14.06 -10.90
N SER B 48 -8.38 14.08 -11.08
CA SER B 48 -7.71 15.12 -11.86
C SER B 48 -7.49 14.64 -13.24
N VAL B 49 -7.77 15.52 -14.24
CA VAL B 49 -7.82 15.12 -15.65
C VAL B 49 -7.10 16.20 -16.52
N ARG B 50 -6.08 15.80 -17.27
CA ARG B 50 -5.44 16.67 -18.25
C ARG B 50 -6.43 17.05 -19.32
N HIS B 51 -6.71 18.35 -19.36
CA HIS B 51 -7.50 18.95 -20.47
C HIS B 51 -6.46 19.59 -21.46
N GLU B 52 -6.96 20.28 -22.48
CA GLU B 52 -6.10 20.91 -23.55
C GLU B 52 -4.97 21.77 -23.01
N ASP B 53 -5.29 22.75 -22.22
CA ASP B 53 -4.39 23.79 -21.75
C ASP B 53 -4.18 23.72 -20.25
N ASP B 54 -4.90 22.82 -19.55
CA ASP B 54 -4.65 22.70 -18.13
C ASP B 54 -5.13 21.37 -17.54
N VAL B 55 -5.01 21.27 -16.24
CA VAL B 55 -5.60 20.15 -15.50
C VAL B 55 -6.78 20.60 -14.64
N GLN B 56 -7.86 19.86 -14.72
CA GLN B 56 -9.04 20.12 -13.92
C GLN B 56 -9.46 18.90 -13.08
N HIS B 57 -10.28 19.16 -12.06
CA HIS B 57 -10.56 18.27 -10.93
C HIS B 57 -12.06 18.09 -10.76
N PHE B 58 -12.47 16.84 -10.57
CA PHE B 58 -13.82 16.37 -10.46
C PHE B 58 -13.92 15.71 -9.08
N LYS B 59 -15.02 15.98 -8.38
CA LYS B 59 -15.31 15.41 -7.09
C LYS B 59 -16.09 14.12 -7.34
N VAL B 60 -15.63 13.03 -6.72
CA VAL B 60 -16.35 11.75 -6.79
C VAL B 60 -17.52 11.81 -5.84
N MET B 61 -18.72 11.83 -6.40
CA MET B 61 -19.93 11.88 -5.63
C MET B 61 -20.37 10.43 -5.33
N ARG B 62 -21.06 10.28 -4.19
CA ARG B 62 -21.61 9.03 -3.76
C ARG B 62 -23.08 9.10 -3.39
N ASP B 63 -23.77 7.94 -3.39
CA ASP B 63 -25.11 7.91 -2.73
C ASP B 63 -25.15 6.90 -1.55
N THR B 64 -26.24 6.85 -0.79
CA THR B 64 -26.32 5.95 0.37
C THR B 64 -26.38 4.48 -0.03
N LYS B 65 -26.74 4.19 -1.27
CA LYS B 65 -26.61 2.81 -1.76
C LYS B 65 -25.23 2.38 -2.26
N GLY B 66 -24.26 3.29 -2.19
CA GLY B 66 -22.90 2.94 -2.54
C GLY B 66 -22.49 3.20 -3.99
N ASN B 67 -23.33 3.85 -4.79
CA ASN B 67 -22.97 4.22 -6.16
C ASN B 67 -21.97 5.35 -6.16
N TYR B 68 -21.28 5.45 -7.30
CA TYR B 68 -20.28 6.48 -7.59
C TYR B 68 -20.78 7.26 -8.83
N PHE B 69 -20.57 8.55 -8.87
CA PHE B 69 -20.92 9.33 -10.04
C PHE B 69 -20.21 10.66 -9.96
N LEU B 70 -20.12 11.30 -11.12
CA LEU B 70 -19.55 12.62 -11.27
C LEU B 70 -20.66 13.60 -11.71
N TRP B 71 -21.51 13.14 -12.58
CA TRP B 71 -22.52 14.03 -13.23
C TRP B 71 -23.92 13.49 -12.99
N THR B 72 -24.41 12.66 -13.92
CA THR B 72 -25.66 11.95 -13.75
C THR B 72 -25.53 10.44 -13.70
N GLU B 73 -24.86 9.84 -14.66
CA GLU B 73 -24.73 8.39 -14.73
C GLU B 73 -24.09 7.86 -13.43
N LYS B 74 -24.66 6.78 -12.88
CA LYS B 74 -24.23 6.14 -11.65
C LYS B 74 -23.62 4.74 -11.89
N PHE B 75 -22.61 4.39 -11.07
CA PHE B 75 -21.85 3.17 -11.23
C PHE B 75 -21.70 2.54 -9.88
N PRO B 76 -21.73 1.22 -9.83
CA PRO B 76 -21.48 0.50 -8.57
C PRO B 76 -20.01 0.35 -8.18
N SER B 77 -19.07 0.83 -8.99
CA SER B 77 -17.64 0.86 -8.69
C SER B 77 -16.90 1.97 -9.42
N LEU B 78 -15.73 2.32 -8.88
CA LEU B 78 -14.81 3.24 -9.48
C LEU B 78 -14.34 2.73 -10.81
N ASN B 79 -14.11 1.41 -10.90
CA ASN B 79 -13.70 0.88 -12.20
C ASN B 79 -14.74 1.15 -13.26
N LYS B 80 -15.99 0.89 -12.98
CA LYS B 80 -17.06 1.09 -13.96
C LYS B 80 -17.23 2.59 -14.32
N LEU B 81 -16.99 3.45 -13.33
CA LEU B 81 -17.03 4.87 -13.57
C LEU B 81 -15.95 5.31 -14.53
N VAL B 82 -14.74 4.84 -14.26
CA VAL B 82 -13.62 5.11 -15.14
C VAL B 82 -13.88 4.63 -16.58
N ASP B 83 -14.38 3.38 -16.72
CA ASP B 83 -14.63 2.80 -18.00
C ASP B 83 -15.63 3.61 -18.81
N TYR B 84 -16.73 4.01 -18.17
CA TYR B 84 -17.68 4.88 -18.83
C TYR B 84 -17.08 6.13 -19.37
N TYR B 85 -16.17 6.78 -18.64
CA TYR B 85 -15.56 8.02 -19.10
C TYR B 85 -14.37 7.84 -20.03
N ARG B 86 -14.05 6.62 -20.37
CA ARG B 86 -13.21 6.41 -21.55
C ARG B 86 -13.90 6.58 -22.91
N THR B 87 -15.22 6.41 -22.96
CA THR B 87 -15.97 6.55 -24.22
C THR B 87 -17.09 7.56 -24.21
N THR B 88 -17.37 8.17 -23.05
CA THR B 88 -18.26 9.34 -22.90
C THR B 88 -17.43 10.42 -22.27
N SER B 89 -17.57 11.65 -22.76
CA SER B 89 -16.69 12.73 -22.32
C SER B 89 -16.93 13.05 -20.86
N ILE B 90 -15.85 13.24 -20.09
CA ILE B 90 -15.97 13.59 -18.67
C ILE B 90 -16.15 15.10 -18.55
N SER B 91 -15.78 15.83 -19.61
CA SER B 91 -16.03 17.30 -19.68
C SER B 91 -17.32 17.63 -20.40
N LYS B 92 -18.00 18.65 -19.90
CA LYS B 92 -19.21 19.18 -20.53
C LYS B 92 -18.95 20.46 -21.36
N GLN B 93 -17.70 20.88 -21.45
CA GLN B 93 -17.35 22.09 -22.18
C GLN B 93 -16.58 21.79 -23.43
N LYS B 94 -15.79 20.74 -23.42
CA LYS B 94 -15.10 20.26 -24.61
C LYS B 94 -15.05 18.74 -24.55
N GLN B 95 -14.64 18.10 -25.64
CA GLN B 95 -14.67 16.64 -25.64
C GLN B 95 -13.40 16.07 -25.03
N VAL B 96 -13.50 15.40 -23.87
CA VAL B 96 -12.35 14.92 -23.14
C VAL B 96 -12.65 13.47 -22.62
N PHE B 97 -11.96 12.48 -23.20
CA PHE B 97 -12.06 11.09 -22.73
C PHE B 97 -10.86 10.64 -21.86
N LEU B 98 -11.13 9.88 -20.80
CA LEU B 98 -10.07 9.31 -20.01
C LEU B 98 -9.24 8.28 -20.82
N ARG B 99 -7.94 8.33 -20.63
CA ARG B 99 -6.92 7.53 -21.31
C ARG B 99 -5.92 7.02 -20.29
N ASP B 100 -5.33 5.86 -20.57
CA ASP B 100 -4.21 5.34 -19.77
C ASP B 100 -3.29 4.47 -20.64
N GLY C 1 -5.65 0.15 -17.30
CA GLY C 1 -5.65 -0.56 -16.02
C GLY C 1 -7.02 -0.53 -15.33
N SER C 2 -7.15 -1.36 -14.31
CA SER C 2 -8.33 -1.39 -13.43
C SER C 2 -7.85 -1.77 -12.01
N PHE C 3 -8.63 -1.44 -10.99
CA PHE C 3 -8.30 -1.87 -9.62
C PHE C 3 -8.53 -3.29 -9.35
N ILE C 4 -7.65 -3.84 -8.51
CA ILE C 4 -7.88 -5.05 -7.73
C ILE C 4 -6.62 -5.19 -6.77
N ASP C 5 -6.71 -4.66 -5.54
CA ASP C 5 -5.65 -4.65 -4.49
C ASP C 5 -5.99 -5.56 -3.30
N ILE C 6 -7.23 -5.66 -2.83
CA ILE C 6 -7.51 -6.83 -1.85
C ILE C 6 -7.32 -8.36 -2.31
N GLU C 7 -6.19 -8.73 -2.82
CA GLU C 7 -5.57 -9.79 -2.12
C GLU C 7 -4.23 -9.27 -1.65
N PHE C 8 -3.97 -9.67 -0.42
CA PHE C 8 -3.03 -9.00 0.44
C PHE C 8 -3.22 -9.77 1.64
N PRO C 9 -2.49 -10.87 1.75
CA PRO C 9 -2.87 -11.76 2.79
C PRO C 9 -2.72 -11.07 4.10
N GLU C 10 -3.44 -11.64 5.01
CA GLU C 10 -3.57 -11.15 6.35
C GLU C 10 -2.27 -11.18 7.12
N TRP C 11 -1.37 -12.12 6.81
CA TRP C 11 -0.10 -12.30 7.49
C TRP C 11 1.09 -11.51 6.82
N PHE C 12 0.82 -10.71 5.78
CA PHE C 12 1.82 -9.90 5.10
C PHE C 12 1.84 -8.47 5.65
N HIS C 13 2.89 -8.11 6.39
CA HIS C 13 2.92 -6.79 7.00
C HIS C 13 4.38 -6.28 6.98
N GLU C 14 4.72 -5.58 5.96
CA GLU C 14 6.15 -5.38 5.64
C GLU C 14 6.80 -4.52 6.71
N GLY C 15 6.07 -3.50 7.20
CA GLY C 15 6.61 -2.60 8.20
C GLY C 15 6.49 -2.93 9.67
N LEU C 16 6.04 -4.12 10.05
CA LEU C 16 5.95 -4.51 11.44
C LEU C 16 7.33 -4.88 11.86
N SER C 17 7.73 -4.38 13.01
CA SER C 17 9.05 -4.69 13.57
C SER C 17 9.06 -6.12 14.11
N ARG C 18 10.26 -6.62 14.39
CA ARG C 18 10.46 -7.90 15.01
C ARG C 18 9.74 -7.98 16.34
N HIS C 19 9.91 -6.94 17.15
CA HIS C 19 9.28 -6.89 18.48
C HIS C 19 7.74 -6.79 18.38
N GLN C 20 7.24 -6.01 17.44
CA GLN C 20 5.79 -5.91 17.20
C GLN C 20 5.17 -7.26 16.81
N ALA C 21 5.90 -7.96 15.93
CA ALA C 21 5.53 -9.28 15.46
C ALA C 21 5.50 -10.31 16.60
N GLU C 22 6.49 -10.27 17.52
CA GLU C 22 6.51 -11.13 18.69
C GLU C 22 5.28 -10.85 19.56
N ASN C 23 5.00 -9.58 19.86
CA ASN C 23 3.89 -9.24 20.75
C ASN C 23 2.57 -9.69 20.17
N LEU C 24 2.37 -9.35 18.91
CA LEU C 24 1.19 -9.80 18.22
C LEU C 24 0.98 -11.33 18.23
N LEU C 25 2.03 -12.04 17.83
CA LEU C 25 1.94 -13.47 17.70
C LEU C 25 1.80 -14.21 19.03
N MET C 26 2.29 -13.63 20.12
CA MET C 26 2.16 -14.27 21.43
C MET C 26 0.68 -14.39 21.81
N GLY C 27 -0.11 -13.46 21.26
CA GLY C 27 -1.54 -13.52 21.31
C GLY C 27 -2.25 -14.53 20.47
N LYS C 28 -1.58 -15.19 19.54
CA LYS C 28 -2.19 -16.16 18.65
C LYS C 28 -1.67 -17.54 19.01
N ASP C 29 -2.19 -18.54 18.32
CA ASP C 29 -1.87 -19.93 18.59
C ASP C 29 -0.71 -20.34 17.72
N ILE C 30 -0.15 -21.51 18.05
CA ILE C 30 0.98 -22.05 17.33
C ILE C 30 0.78 -22.18 15.83
N GLY C 31 1.78 -21.78 15.06
CA GLY C 31 1.70 -21.85 13.60
C GLY C 31 1.31 -20.58 12.89
N PHE C 32 0.69 -19.65 13.64
CA PHE C 32 0.30 -18.38 13.04
C PHE C 32 1.59 -17.59 12.81
N PHE C 33 1.57 -16.69 11.83
CA PHE C 33 2.80 -16.07 11.40
C PHE C 33 2.60 -14.72 10.73
N ILE C 34 3.73 -14.02 10.64
CA ILE C 34 3.85 -12.76 9.94
C ILE C 34 5.06 -12.82 9.08
N ILE C 35 4.93 -12.28 7.87
CA ILE C 35 6.06 -12.01 6.96
C ILE C 35 6.22 -10.48 6.92
N ARG C 36 7.43 -10.05 7.27
CA ARG C 36 7.76 -8.66 7.42
C ARG C 36 9.12 -8.36 6.76
N ALA C 37 9.36 -7.10 6.40
CA ALA C 37 10.68 -6.75 5.88
C ALA C 37 11.63 -6.86 7.08
N SER C 38 12.83 -7.41 6.90
CA SER C 38 13.79 -7.52 7.93
C SER C 38 14.21 -6.20 8.45
N GLN C 39 14.36 -6.20 9.75
CA GLN C 39 14.79 -5.01 10.46
C GLN C 39 16.31 -4.94 10.52
N SER C 40 16.98 -6.04 10.87
CA SER C 40 18.42 -6.04 11.01
C SER C 40 19.18 -6.22 9.68
N SER C 41 18.52 -6.67 8.59
CA SER C 41 19.11 -6.64 7.23
C SER C 41 18.21 -5.99 6.26
N PRO C 42 18.32 -4.67 6.07
CA PRO C 42 17.52 -4.00 5.09
C PRO C 42 17.69 -4.77 3.77
N GLY C 43 16.57 -5.05 3.14
CA GLY C 43 16.59 -5.79 1.89
C GLY C 43 16.16 -7.25 2.06
N ASP C 44 16.13 -7.75 3.27
CA ASP C 44 15.69 -9.11 3.58
C ASP C 44 14.24 -9.13 4.05
N PHE C 45 13.61 -10.29 3.96
CA PHE C 45 12.34 -10.57 4.58
C PHE C 45 12.54 -11.63 5.66
N SER C 46 11.63 -11.55 6.63
CA SER C 46 11.60 -12.41 7.80
C SER C 46 10.24 -12.99 7.95
N ILE C 47 10.23 -14.21 8.47
CA ILE C 47 9.02 -14.91 8.85
C ILE C 47 9.06 -15.17 10.35
N SER C 48 8.14 -14.54 11.04
CA SER C 48 7.91 -14.78 12.46
C SER C 48 6.79 -15.73 12.69
N VAL C 49 7.02 -16.71 13.58
CA VAL C 49 6.14 -17.88 13.72
C VAL C 49 5.92 -18.18 15.19
N ARG C 50 4.66 -18.20 15.58
CA ARG C 50 4.27 -18.60 16.89
C ARG C 50 4.60 -20.10 17.12
N HIS C 51 5.47 -20.32 18.07
CA HIS C 51 5.71 -21.63 18.62
C HIS C 51 5.02 -21.78 19.96
N GLU C 52 5.32 -22.91 20.65
CA GLU C 52 4.51 -23.33 21.79
C GLU C 52 4.65 -22.35 22.92
N ASP C 53 5.87 -21.92 23.19
CA ASP C 53 6.13 -21.00 24.28
C ASP C 53 6.66 -19.62 23.93
N ASP C 54 6.90 -19.38 22.66
CA ASP C 54 7.51 -18.13 22.25
C ASP C 54 7.29 -17.93 20.74
N VAL C 55 7.87 -16.86 20.21
CA VAL C 55 7.82 -16.53 18.80
C VAL C 55 9.22 -16.60 18.22
N GLN C 56 9.38 -17.41 17.17
CA GLN C 56 10.70 -17.59 16.53
C GLN C 56 10.72 -17.01 15.11
N HIS C 57 11.91 -16.65 14.63
CA HIS C 57 12.05 -15.98 13.35
C HIS C 57 12.91 -16.74 12.36
N PHE C 58 12.52 -16.69 11.10
CA PHE C 58 13.23 -17.30 9.98
C PHE C 58 13.61 -16.28 8.93
N LYS C 59 14.84 -16.42 8.41
CA LYS C 59 15.28 -15.52 7.40
C LYS C 59 14.89 -16.12 6.07
N VAL C 60 14.24 -15.36 5.21
CA VAL C 60 13.98 -15.78 3.85
C VAL C 60 15.28 -15.69 3.01
N MET C 61 15.77 -16.83 2.55
CA MET C 61 16.98 -16.83 1.70
C MET C 61 16.61 -16.77 0.23
N ARG C 62 17.54 -16.24 -0.56
CA ARG C 62 17.35 -16.00 -2.02
C ARG C 62 18.61 -16.49 -2.75
N ASP C 63 18.46 -16.91 -4.01
CA ASP C 63 19.65 -17.08 -4.87
C ASP C 63 19.60 -16.14 -6.08
N THR C 64 20.65 -16.16 -6.91
CA THR C 64 20.71 -15.33 -8.11
C THR C 64 19.63 -15.61 -9.16
N LYS C 65 19.05 -16.82 -9.16
CA LYS C 65 17.91 -17.13 -10.01
C LYS C 65 16.52 -16.69 -9.46
N GLY C 66 16.48 -16.08 -8.29
CA GLY C 66 15.23 -15.53 -7.78
C GLY C 66 14.47 -16.54 -6.93
N ASN C 67 15.11 -17.68 -6.60
CA ASN C 67 14.45 -18.65 -5.73
C ASN C 67 14.37 -18.14 -4.31
N TYR C 68 13.47 -18.75 -3.57
CA TYR C 68 13.16 -18.47 -2.20
C TYR C 68 13.32 -19.78 -1.40
N PHE C 69 13.90 -19.72 -0.23
CA PHE C 69 14.09 -20.91 0.59
C PHE C 69 14.47 -20.54 2.02
N LEU C 70 14.22 -21.46 2.92
CA LEU C 70 14.51 -21.34 4.33
C LEU C 70 15.57 -22.38 4.71
N TRP C 71 15.46 -23.57 4.13
CA TRP C 71 16.22 -24.76 4.61
C TRP C 71 16.95 -25.27 3.35
N THR C 72 16.41 -26.26 2.64
CA THR C 72 16.92 -26.69 1.30
C THR C 72 15.97 -26.61 0.15
N GLU C 73 14.69 -26.85 0.40
CA GLU C 73 13.71 -26.86 -0.67
C GLU C 73 13.54 -25.41 -1.22
N LYS C 74 13.58 -25.26 -2.53
CA LYS C 74 13.56 -23.92 -3.15
C LYS C 74 12.26 -23.72 -3.89
N PHE C 75 11.85 -22.47 -4.02
CA PHE C 75 10.54 -22.14 -4.64
C PHE C 75 10.68 -20.89 -5.47
N PRO C 76 9.90 -20.82 -6.56
CA PRO C 76 9.99 -19.66 -7.46
C PRO C 76 9.23 -18.42 -6.97
N SER C 77 8.42 -18.51 -5.89
CA SER C 77 7.74 -17.36 -5.31
C SER C 77 7.56 -17.54 -3.80
N LEU C 78 7.33 -16.42 -3.10
CA LEU C 78 7.04 -16.40 -1.70
C LEU C 78 5.75 -17.20 -1.41
N ASN C 79 4.72 -17.04 -2.25
CA ASN C 79 3.45 -17.76 -2.00
C ASN C 79 3.70 -19.27 -1.96
N LYS C 80 4.53 -19.73 -2.87
CA LYS C 80 4.86 -21.13 -2.94
C LYS C 80 5.72 -21.64 -1.79
N LEU C 81 6.65 -20.80 -1.31
CA LEU C 81 7.33 -21.10 0.00
C LEU C 81 6.36 -21.24 1.15
N VAL C 82 5.41 -20.30 1.31
CA VAL C 82 4.50 -20.32 2.42
C VAL C 82 3.57 -21.54 2.30
N ASP C 83 3.10 -21.80 1.09
CA ASP C 83 2.32 -23.03 0.90
C ASP C 83 2.99 -24.31 1.36
N TYR C 84 4.23 -24.50 0.94
CA TYR C 84 4.97 -25.68 1.30
C TYR C 84 5.00 -25.85 2.82
N TYR C 85 5.21 -24.73 3.55
CA TYR C 85 5.37 -24.77 4.99
C TYR C 85 4.09 -24.76 5.73
N ARG C 86 2.96 -24.80 5.01
CA ARG C 86 1.68 -25.16 5.63
C ARG C 86 1.54 -26.67 5.86
N THR C 87 2.30 -27.49 5.13
CA THR C 87 2.15 -28.95 5.28
C THR C 87 3.45 -29.69 5.50
N THR C 88 4.55 -28.95 5.49
CA THR C 88 5.87 -29.45 5.91
C THR C 88 6.33 -28.53 7.02
N SER C 89 6.90 -29.09 8.09
CA SER C 89 7.27 -28.29 9.25
C SER C 89 8.32 -27.24 8.91
N ILE C 90 8.08 -26.02 9.35
CA ILE C 90 9.09 -24.96 9.26
C ILE C 90 10.23 -25.13 10.31
N SER C 91 9.94 -25.87 11.38
CA SER C 91 10.90 -26.29 12.39
C SER C 91 11.41 -27.68 12.06
N LYS C 92 12.72 -27.87 12.14
CA LYS C 92 13.36 -29.18 11.90
C LYS C 92 13.54 -30.04 13.18
N GLN C 93 13.15 -29.46 14.29
CA GLN C 93 13.21 -30.07 15.63
C GLN C 93 11.84 -30.49 16.14
N LYS C 94 10.79 -29.69 15.87
CA LYS C 94 9.39 -29.99 16.34
C LYS C 94 8.44 -29.78 15.13
N GLN C 95 7.22 -30.32 15.18
CA GLN C 95 6.29 -30.08 14.05
C GLN C 95 5.54 -28.75 14.26
N VAL C 96 5.89 -27.76 13.44
CA VAL C 96 5.23 -26.44 13.37
C VAL C 96 4.90 -26.13 11.90
N PHE C 97 3.60 -26.18 11.60
CA PHE C 97 3.10 -25.75 10.30
C PHE C 97 2.62 -24.31 10.36
N LEU C 98 2.88 -23.56 9.31
CA LEU C 98 2.28 -22.25 9.10
C LEU C 98 0.76 -22.35 8.95
N ARG C 99 0.09 -21.42 9.60
CA ARG C 99 -1.36 -21.38 9.65
C ARG C 99 -1.87 -19.97 9.46
N ASP C 100 -3.02 -19.86 8.79
CA ASP C 100 -3.77 -18.63 8.74
C ASP C 100 -5.29 -18.89 8.79
N ILE D 6 12.19 3.39 8.17
CA ILE D 6 12.58 3.16 9.64
C ILE D 6 14.09 3.46 9.99
N GLU D 7 14.93 3.64 8.96
CA GLU D 7 16.35 4.08 9.12
C GLU D 7 16.85 5.20 8.09
N PHE D 8 16.38 5.20 6.82
CA PHE D 8 16.92 6.11 5.74
C PHE D 8 15.76 6.68 4.79
N PRO D 9 15.65 7.99 4.51
CA PRO D 9 14.49 8.50 3.71
C PRO D 9 14.28 7.90 2.30
N GLU D 10 15.38 7.53 1.64
CA GLU D 10 15.34 6.63 0.45
C GLU D 10 14.57 5.30 0.74
N TRP D 11 15.12 4.55 1.76
CA TRP D 11 14.63 3.30 2.47
C TRP D 11 13.17 3.33 2.59
N PHE D 12 12.65 2.21 2.99
CA PHE D 12 11.55 1.80 2.19
C PHE D 12 10.24 2.57 2.52
N HIS D 13 9.56 2.85 1.45
CA HIS D 13 8.42 3.70 1.46
C HIS D 13 7.37 2.62 1.53
N GLU D 14 6.92 2.25 2.71
CA GLU D 14 6.05 1.11 2.80
C GLU D 14 4.85 1.41 1.99
N GLY D 15 4.23 0.36 1.48
CA GLY D 15 2.94 0.53 0.88
C GLY D 15 2.93 1.20 -0.50
N LEU D 16 4.11 1.51 -1.02
CA LEU D 16 4.18 2.29 -2.26
C LEU D 16 4.24 1.37 -3.49
N SER D 17 3.34 1.60 -4.43
CA SER D 17 3.36 0.89 -5.69
C SER D 17 4.45 1.39 -6.60
N ARG D 18 4.77 0.59 -7.62
CA ARG D 18 5.65 0.92 -8.73
C ARG D 18 5.22 2.24 -9.37
N HIS D 19 3.95 2.34 -9.72
CA HIS D 19 3.44 3.58 -10.44
C HIS D 19 3.32 4.77 -9.54
N GLN D 20 3.05 4.52 -8.26
CA GLN D 20 3.13 5.57 -7.29
C GLN D 20 4.54 6.13 -7.14
N ALA D 21 5.56 5.26 -7.12
CA ALA D 21 6.93 5.75 -7.03
C ALA D 21 7.24 6.56 -8.28
N GLU D 22 6.72 6.18 -9.43
CA GLU D 22 6.96 6.99 -10.65
C GLU D 22 6.35 8.42 -10.52
N ASN D 23 5.12 8.50 -9.97
CA ASN D 23 4.37 9.76 -9.93
C ASN D 23 5.12 10.70 -9.05
N LEU D 24 5.69 10.15 -7.99
CA LEU D 24 6.39 10.91 -7.03
C LEU D 24 7.78 11.39 -7.53
N LEU D 25 8.45 10.55 -8.31
CA LEU D 25 9.80 10.87 -8.70
C LEU D 25 9.77 11.76 -9.96
N MET D 26 8.65 11.76 -10.67
CA MET D 26 8.52 12.64 -11.82
C MET D 26 8.58 14.12 -11.35
N GLY D 27 8.21 14.43 -10.11
CA GLY D 27 8.45 15.73 -9.50
C GLY D 27 9.83 16.01 -8.92
N LYS D 28 10.78 15.10 -9.13
CA LYS D 28 12.14 15.33 -8.66
C LYS D 28 13.15 15.31 -9.85
N ASP D 29 14.36 15.71 -9.57
CA ASP D 29 15.45 15.80 -10.57
C ASP D 29 16.09 14.41 -10.84
N ILE D 30 16.86 14.33 -11.90
CA ILE D 30 17.54 13.04 -12.23
C ILE D 30 18.35 12.46 -11.06
N GLY D 31 18.28 11.14 -10.86
CA GLY D 31 19.00 10.48 -9.77
C GLY D 31 18.28 10.28 -8.41
N PHE D 32 17.20 11.06 -8.19
CA PHE D 32 16.43 10.85 -6.96
C PHE D 32 15.80 9.46 -7.14
N PHE D 33 15.63 8.80 -6.03
CA PHE D 33 15.22 7.38 -6.02
C PHE D 33 14.43 7.01 -4.76
N ILE D 34 13.76 5.86 -4.84
CA ILE D 34 12.92 5.35 -3.77
C ILE D 34 13.19 3.88 -3.77
N ILE D 35 13.41 3.33 -2.61
CA ILE D 35 13.52 1.89 -2.44
C ILE D 35 12.17 1.44 -1.91
N ARG D 36 11.65 0.38 -2.51
CA ARG D 36 10.38 -0.13 -2.09
C ARG D 36 10.31 -1.69 -2.19
N ALA D 37 9.41 -2.25 -1.36
CA ALA D 37 9.08 -3.66 -1.39
C ALA D 37 8.09 -3.81 -2.54
N SER D 38 8.45 -4.66 -3.48
CA SER D 38 7.71 -4.96 -4.65
C SER D 38 6.40 -5.61 -4.27
N GLN D 39 5.35 -5.16 -4.91
CA GLN D 39 4.02 -5.76 -4.83
C GLN D 39 3.84 -6.80 -5.89
N SER D 40 4.37 -6.57 -7.08
CA SER D 40 4.29 -7.63 -8.15
C SER D 40 5.12 -8.90 -7.90
N SER D 41 6.23 -8.77 -7.16
CA SER D 41 7.06 -9.90 -6.70
C SER D 41 7.31 -9.87 -5.21
N PRO D 42 6.34 -10.36 -4.41
CA PRO D 42 6.49 -10.31 -2.96
C PRO D 42 7.83 -10.95 -2.48
N GLY D 43 8.51 -10.23 -1.62
CA GLY D 43 9.81 -10.65 -1.11
C GLY D 43 11.01 -10.03 -1.87
N ASP D 44 10.79 -9.43 -3.05
CA ASP D 44 11.73 -8.56 -3.74
C ASP D 44 11.63 -7.08 -3.34
N PHE D 45 12.77 -6.41 -3.42
CA PHE D 45 12.82 -4.96 -3.28
C PHE D 45 13.15 -4.40 -4.67
N SER D 46 12.68 -3.19 -4.96
CA SER D 46 12.88 -2.52 -6.21
C SER D 46 13.40 -1.09 -5.90
N ILE D 47 14.25 -0.54 -6.77
CA ILE D 47 14.75 0.83 -6.73
C ILE D 47 14.22 1.50 -7.98
N SER D 48 13.38 2.50 -7.78
CA SER D 48 12.80 3.37 -8.78
C SER D 48 13.63 4.65 -8.89
N VAL D 49 14.03 5.03 -10.10
CA VAL D 49 15.09 6.03 -10.23
C VAL D 49 14.64 7.01 -11.30
N ARG D 50 14.58 8.29 -10.92
CA ARG D 50 14.30 9.34 -11.93
C ARG D 50 15.40 9.42 -12.99
N HIS D 51 14.99 9.17 -14.23
CA HIS D 51 15.89 9.38 -15.36
C HIS D 51 15.51 10.76 -16.03
N GLU D 52 16.06 11.09 -17.20
CA GLU D 52 15.82 12.43 -17.79
C GLU D 52 14.34 12.62 -18.13
N ASP D 53 13.73 11.65 -18.78
CA ASP D 53 12.40 11.79 -19.36
C ASP D 53 11.39 10.98 -18.57
N ASP D 54 11.86 10.10 -17.71
CA ASP D 54 10.92 9.17 -17.07
C ASP D 54 11.51 8.54 -15.82
N VAL D 55 10.82 7.56 -15.26
CA VAL D 55 11.26 6.89 -14.03
C VAL D 55 11.34 5.45 -14.36
N GLN D 56 12.46 4.84 -14.07
CA GLN D 56 12.68 3.40 -14.40
C GLN D 56 13.04 2.61 -13.13
N HIS D 57 13.00 1.30 -13.21
CA HIS D 57 13.05 0.49 -12.03
C HIS D 57 14.06 -0.63 -12.17
N PHE D 58 14.72 -0.93 -11.06
CA PHE D 58 15.78 -1.92 -10.94
C PHE D 58 15.37 -2.95 -9.90
N LYS D 59 15.56 -4.23 -10.19
CA LYS D 59 15.31 -5.23 -9.19
C LYS D 59 16.59 -5.46 -8.39
N VAL D 60 16.46 -5.49 -7.05
CA VAL D 60 17.57 -5.86 -6.17
C VAL D 60 17.73 -7.39 -6.22
N MET D 61 18.88 -7.81 -6.73
CA MET D 61 19.28 -9.22 -6.83
C MET D 61 20.14 -9.60 -5.61
N ARG D 62 20.10 -10.87 -5.25
CA ARG D 62 20.73 -11.41 -4.08
C ARG D 62 21.35 -12.71 -4.51
N ASP D 63 22.38 -13.12 -3.77
CA ASP D 63 22.87 -14.47 -3.89
C ASP D 63 22.73 -15.22 -2.56
N THR D 64 23.08 -16.49 -2.55
CA THR D 64 22.84 -17.38 -1.40
C THR D 64 23.75 -17.03 -0.22
N LYS D 65 24.88 -16.37 -0.50
CA LYS D 65 25.71 -15.78 0.57
C LYS D 65 25.13 -14.47 1.19
N GLY D 66 24.15 -13.83 0.55
CA GLY D 66 23.53 -12.64 1.10
C GLY D 66 24.06 -11.33 0.52
N ASN D 67 24.90 -11.39 -0.51
CA ASN D 67 25.23 -10.17 -1.24
C ASN D 67 24.03 -9.56 -1.95
N TYR D 68 24.13 -8.28 -2.29
CA TYR D 68 23.13 -7.52 -2.99
C TYR D 68 23.82 -7.02 -4.25
N PHE D 69 23.08 -6.98 -5.34
CA PHE D 69 23.55 -6.45 -6.58
C PHE D 69 22.46 -6.07 -7.56
N LEU D 70 22.81 -5.21 -8.48
CA LEU D 70 21.93 -4.82 -9.58
C LEU D 70 22.42 -5.35 -10.95
N TRP D 71 23.73 -5.33 -11.14
CA TRP D 71 24.39 -5.52 -12.44
C TRP D 71 25.52 -6.56 -12.25
N THR D 72 26.72 -6.12 -11.95
CA THR D 72 27.83 -7.07 -11.72
C THR D 72 28.42 -6.92 -10.36
N GLU D 73 28.74 -5.69 -9.96
CA GLU D 73 29.39 -5.45 -8.65
C GLU D 73 28.48 -5.95 -7.56
N LYS D 74 29.03 -6.69 -6.59
CA LYS D 74 28.27 -7.15 -5.40
C LYS D 74 28.65 -6.41 -4.14
N PHE D 75 27.70 -6.33 -3.20
CA PHE D 75 27.79 -5.57 -1.96
C PHE D 75 27.22 -6.41 -0.82
N PRO D 76 27.80 -6.20 0.34
CA PRO D 76 27.39 -6.95 1.51
C PRO D 76 26.10 -6.29 2.14
N SER D 77 25.67 -5.11 1.73
CA SER D 77 24.48 -4.45 2.23
C SER D 77 23.82 -3.59 1.18
N LEU D 78 22.53 -3.31 1.43
CA LEU D 78 21.77 -2.46 0.56
C LEU D 78 22.36 -1.02 0.57
N ASN D 79 22.75 -0.61 1.75
CA ASN D 79 23.33 0.69 1.90
C ASN D 79 24.60 0.90 1.06
N LYS D 80 25.47 -0.08 1.09
CA LYS D 80 26.68 -0.02 0.24
C LYS D 80 26.38 -0.07 -1.25
N LEU D 81 25.30 -0.76 -1.64
CA LEU D 81 24.83 -0.75 -3.03
C LEU D 81 24.43 0.65 -3.47
N VAL D 82 23.62 1.28 -2.62
CA VAL D 82 23.15 2.63 -2.89
C VAL D 82 24.33 3.61 -3.05
N ASP D 83 25.27 3.48 -2.17
CA ASP D 83 26.42 4.39 -2.11
C ASP D 83 27.27 4.17 -3.35
N TYR D 84 27.45 2.92 -3.76
CA TYR D 84 28.14 2.69 -5.01
C TYR D 84 27.50 3.44 -6.14
N TYR D 85 26.17 3.43 -6.25
CA TYR D 85 25.52 4.01 -7.43
C TYR D 85 25.35 5.52 -7.29
N ARG D 86 25.94 6.11 -6.26
CA ARG D 86 26.11 7.60 -6.20
C ARG D 86 27.27 8.05 -7.09
N THR D 87 28.22 7.18 -7.35
CA THR D 87 29.40 7.58 -8.14
C THR D 87 29.70 6.68 -9.37
N THR D 88 29.05 5.52 -9.48
CA THR D 88 28.99 4.78 -10.74
C THR D 88 27.56 4.83 -11.23
N SER D 89 27.35 4.95 -12.52
CA SER D 89 26.05 5.15 -13.10
C SER D 89 25.22 3.91 -12.84
N ILE D 90 24.03 4.13 -12.30
CA ILE D 90 23.10 3.01 -12.17
C ILE D 90 22.53 2.64 -13.47
N SER D 91 22.47 3.58 -14.42
CA SER D 91 22.02 3.35 -15.76
C SER D 91 23.19 2.96 -16.70
N LYS D 92 22.97 1.99 -17.56
CA LYS D 92 23.99 1.65 -18.57
C LYS D 92 23.78 2.41 -19.85
N GLN D 93 22.63 3.09 -20.00
CA GLN D 93 22.35 3.89 -21.21
C GLN D 93 22.80 5.34 -21.17
N LYS D 94 22.46 6.03 -20.09
CA LYS D 94 22.91 7.41 -19.83
C LYS D 94 23.56 7.45 -18.46
N GLN D 95 24.16 8.59 -18.13
CA GLN D 95 24.77 8.77 -16.83
C GLN D 95 23.67 9.14 -15.83
N VAL D 96 23.45 8.24 -14.88
CA VAL D 96 22.45 8.48 -13.84
C VAL D 96 23.03 8.01 -12.55
N PHE D 97 23.31 8.98 -11.69
CA PHE D 97 23.85 8.80 -10.38
C PHE D 97 22.77 9.09 -9.37
N LEU D 98 22.68 8.20 -8.40
CA LEU D 98 21.71 8.31 -7.32
C LEU D 98 22.03 9.53 -6.47
N ARG D 99 20.98 10.17 -6.00
CA ARG D 99 21.14 11.22 -5.02
C ARG D 99 19.89 11.31 -4.13
N ASP D 100 20.09 11.97 -2.99
CA ASP D 100 18.98 12.22 -2.07
C ASP D 100 19.24 13.51 -1.31
C ACE E 1 -17.58 -8.22 1.40
O ACE E 1 -18.45 -7.66 0.70
CH3 ACE E 1 -17.61 -9.73 1.57
N ASP E 2 -16.50 -7.54 1.94
CA ASP E 2 -16.00 -7.90 3.29
C ASP E 2 -16.96 -7.41 4.40
N ASP E 3 -16.54 -7.61 5.63
CA ASP E 3 -17.38 -7.53 6.80
C ASP E 3 -17.18 -6.22 7.65
N PTR E 4 -18.24 -5.43 7.83
CA PTR E 4 -18.23 -4.18 8.58
C PTR E 4 -19.33 -4.23 9.67
O PTR E 4 -20.43 -4.75 9.50
CB PTR E 4 -18.37 -2.97 7.64
CG PTR E 4 -17.24 -2.87 6.66
CD1 PTR E 4 -16.11 -2.16 6.96
CD2 PTR E 4 -17.25 -3.63 5.48
CE1 PTR E 4 -15.04 -2.13 6.06
CE2 PTR E 4 -16.20 -3.63 4.62
CZ PTR E 4 -15.09 -2.87 4.88
OH PTR E 4 -14.14 -2.95 3.99
P PTR E 4 -12.54 -3.04 4.22
O1P PTR E 4 -12.10 -3.97 3.18
O2P PTR E 4 -12.26 -3.48 5.62
O3P PTR E 4 -12.02 -1.64 3.94
N VAL E 5 -19.01 -3.68 10.81
CA VAL E 5 -19.91 -3.61 11.96
C VAL E 5 -21.24 -2.93 11.55
N ASN E 6 -21.17 -1.91 10.71
CA ASN E 6 -22.32 -1.05 10.41
C ASN E 6 -22.96 -1.35 9.08
N VAL E 7 -22.55 -2.45 8.50
CA VAL E 7 -23.12 -2.93 7.24
C VAL E 7 -23.82 -4.29 7.55
C ACE F 1 -12.93 24.09 -1.15
O ACE F 1 -13.21 23.53 -0.05
CH3 ACE F 1 -13.64 25.37 -1.53
N ASP F 2 -12.46 23.35 -2.20
CA ASP F 2 -11.67 23.91 -3.32
C ASP F 2 -12.50 23.85 -4.62
N ASP F 3 -11.96 24.27 -5.77
CA ASP F 3 -12.78 24.30 -6.99
C ASP F 3 -12.78 22.99 -7.74
N PTR F 4 -13.96 22.51 -8.03
CA PTR F 4 -14.16 21.38 -8.91
C PTR F 4 -15.20 21.67 -9.98
O PTR F 4 -16.23 22.34 -9.73
CB PTR F 4 -14.61 20.13 -8.13
CG PTR F 4 -13.70 19.72 -7.03
CD1 PTR F 4 -12.77 18.69 -7.22
CD2 PTR F 4 -13.70 20.37 -5.81
CE1 PTR F 4 -11.87 18.37 -6.22
CE2 PTR F 4 -12.80 20.04 -4.81
CZ PTR F 4 -11.90 19.04 -5.02
OH PTR F 4 -11.15 18.74 -4.06
P PTR F 4 -9.53 18.64 -4.01
O1P PTR F 4 -9.15 19.45 -2.86
O2P PTR F 4 -8.88 19.04 -5.31
O3P PTR F 4 -9.18 17.15 -3.72
N VAL F 5 -14.95 21.08 -11.16
CA VAL F 5 -15.79 21.22 -12.36
C VAL F 5 -17.24 20.86 -12.10
N ASN F 6 -17.48 19.75 -11.34
CA ASN F 6 -18.83 19.27 -11.13
C ASN F 6 -19.36 19.61 -9.76
N VAL F 7 -18.78 20.58 -9.06
CA VAL F 7 -19.45 21.18 -7.87
C VAL F 7 -19.64 22.73 -7.99
C ACE G 1 6.70 -7.55 -15.57
O ACE G 1 7.00 -8.03 -14.46
CH3 ACE G 1 7.10 -8.22 -16.90
N ASP G 2 5.94 -6.44 -15.65
CA ASP G 2 6.46 -5.13 -16.09
C ASP G 2 8.02 -5.26 -15.97
N ASP G 3 8.67 -4.25 -16.54
CA ASP G 3 10.01 -4.36 -17.02
C ASP G 3 10.88 -3.84 -15.92
N PTR G 4 12.02 -4.45 -15.77
CA PTR G 4 13.08 -3.82 -14.93
C PTR G 4 14.27 -3.64 -15.85
O PTR G 4 14.48 -4.51 -16.69
CB PTR G 4 13.44 -4.75 -13.75
CG PTR G 4 12.27 -4.86 -12.79
CD1 PTR G 4 12.16 -3.94 -11.71
CD2 PTR G 4 11.27 -5.82 -12.97
CE1 PTR G 4 11.05 -4.01 -10.85
CE2 PTR G 4 10.15 -5.92 -12.09
CZ PTR G 4 10.02 -4.97 -11.06
OH PTR G 4 8.99 -5.08 -10.29
P PTR G 4 8.14 -3.89 -9.60
O1P PTR G 4 6.79 -4.42 -9.84
O2P PTR G 4 8.38 -2.57 -10.27
O3P PTR G 4 8.45 -3.96 -8.12
N VAL G 5 14.99 -2.53 -15.73
CA VAL G 5 16.15 -2.28 -16.59
C VAL G 5 17.16 -3.41 -16.54
N ASN G 6 17.39 -3.95 -15.34
CA ASN G 6 18.40 -4.98 -15.10
C ASN G 6 17.89 -6.43 -15.09
N VAL G 7 16.67 -6.68 -15.55
CA VAL G 7 16.15 -8.06 -15.73
C VAL G 7 15.84 -8.32 -17.18
C ACE H 1 21.83 -9.73 13.33
O ACE H 1 22.33 -8.98 12.42
CH3 ACE H 1 22.68 -10.18 14.49
N ASP H 2 20.48 -9.93 13.50
CA ASP H 2 19.83 -10.48 14.73
C ASP H 2 19.72 -12.02 14.56
N ASP H 3 19.11 -12.70 15.53
CA ASP H 3 19.12 -14.15 15.64
C ASP H 3 17.92 -14.80 14.87
N PTR H 4 18.18 -15.84 14.07
CA PTR H 4 17.13 -16.55 13.31
C PTR H 4 17.39 -18.04 13.37
O PTR H 4 18.54 -18.50 13.44
CB PTR H 4 17.11 -16.17 11.83
CG PTR H 4 16.83 -14.72 11.61
CD1 PTR H 4 15.53 -14.24 11.37
CD2 PTR H 4 17.89 -13.77 11.67
CE1 PTR H 4 15.30 -12.88 11.20
CE2 PTR H 4 17.66 -12.42 11.51
CZ PTR H 4 16.34 -11.94 11.30
OH PTR H 4 16.19 -10.68 11.14
P PTR H 4 15.07 -9.63 11.79
O1P PTR H 4 15.84 -8.50 12.28
O2P PTR H 4 14.34 -10.48 12.89
O3P PTR H 4 14.20 -9.16 10.65
N VAL H 5 16.32 -18.81 13.33
CA VAL H 5 16.40 -20.22 13.52
C VAL H 5 17.33 -20.87 12.49
N ASN H 6 17.24 -20.34 11.28
CA ASN H 6 17.86 -20.88 10.11
C ASN H 6 19.12 -20.12 9.69
N VAL H 7 19.68 -19.31 10.57
CA VAL H 7 20.95 -18.63 10.31
C VAL H 7 21.99 -19.00 11.36
S SO4 I . -25.93 7.13 16.04
O1 SO4 I . -26.92 6.08 16.20
O2 SO4 I . -26.22 8.31 16.90
O3 SO4 I . -24.57 6.64 16.48
O4 SO4 I . -25.89 7.58 14.66
S SO4 J . -14.56 20.44 10.37
O1 SO4 J . -15.99 20.23 10.10
O2 SO4 J . -13.75 19.90 9.26
O3 SO4 J . -14.34 21.89 10.39
O4 SO4 J . -14.22 19.90 11.69
S SO4 K . -23.09 11.90 -17.80
O1 SO4 K . -23.42 11.63 -16.46
O2 SO4 K . -23.59 13.21 -18.27
O3 SO4 K . -21.63 11.92 -17.91
O4 SO4 K . -23.56 10.86 -18.72
S SO4 L . -29.08 9.77 -1.20
O1 SO4 L . -27.66 9.38 -1.14
O2 SO4 L . -29.50 9.00 -2.33
O3 SO4 L . -29.77 9.16 -0.12
O4 SO4 L . -29.11 11.20 -1.21
S SO4 M . -15.57 -3.93 -10.57
O1 SO4 M . -15.44 -5.12 -11.41
O2 SO4 M . -14.38 -3.57 -9.80
O3 SO4 M . -16.06 -2.98 -11.56
O4 SO4 M . -16.62 -4.10 -9.59
S SO4 N . 13.08 -28.55 3.87
O1 SO4 N . 13.97 -29.29 4.82
O2 SO4 N . 12.12 -27.86 4.72
O3 SO4 N . 13.92 -27.64 3.11
O4 SO4 N . 12.32 -29.35 2.93
S SO4 O . 2.64 -17.58 -7.51
O1 SO4 O . 3.20 -18.66 -6.72
O2 SO4 O . 1.44 -18.13 -8.11
O3 SO4 O . 2.30 -16.34 -6.75
O4 SO4 O . 3.60 -17.24 -8.57
S SO4 P . 28.46 -2.39 -12.39
O1 SO4 P . 29.74 -1.95 -11.89
O2 SO4 P . 27.42 -1.36 -12.08
O3 SO4 P . 28.48 -2.47 -13.83
O4 SO4 P . 28.00 -3.61 -11.73
S SO4 Q . 23.86 -18.43 -6.10
O1 SO4 Q . 25.13 -17.83 -6.39
O2 SO4 Q . 23.08 -18.73 -7.25
O3 SO4 Q . 23.99 -19.58 -5.26
O4 SO4 Q . 23.09 -17.42 -5.35
S SO4 R . 26.59 -0.80 5.82
O1 SO4 R . 27.59 -1.83 5.51
O2 SO4 R . 25.25 -1.28 5.54
O3 SO4 R . 26.60 -0.58 7.28
O4 SO4 R . 26.88 0.45 5.10
#